data_4PJ2
#
_entry.id   4PJ2
#
_cell.length_a   52.933
_cell.length_b   77.667
_cell.length_c   69.380
_cell.angle_alpha   90.00
_cell.angle_beta   108.12
_cell.angle_gamma   90.00
#
_symmetry.space_group_name_H-M   'P 1 21 1'
#
loop_
_entity.id
_entity.type
_entity.pdbx_description
1 polymer 'Putative exported protein'
2 polymer Lysozyme
3 non-polymer GLYCEROL
4 non-polymer 'MAGNESIUM ION'
5 water water
#
loop_
_entity_poly.entity_id
_entity_poly.type
_entity_poly.pdbx_seq_one_letter_code
_entity_poly.pdbx_strand_id
1 'polypeptide(L)'
;MADGFFKQLTLPSGQVVTVSEGRGEPASTGSYDVRLYSGANPQFPLDQFIDGKVLPRDGSIKELKLLDLNGDKQPELIVV
VESAGSGSYLSADAFTLNPQEGLDSFNHVEGLAPNEDVIQALKTPRDLEHHHHHH
;
A,B
2 'polypeptide(L)'
;FAGGIVSQRCLSCICKMESGCRNVGCKMDMGSLSCGYFQIKEAYWIDCGRPGSSWKSCAASSYCASLCVQNYMKRYAKWA
GCPLRCEGFAREHNGGPRGCKKGSTIGYWNRLQKISGCHGVQ
;
C,D
#
loop_
_chem_comp.id
_chem_comp.type
_chem_comp.name
_chem_comp.formula
GOL non-polymer GLYCEROL 'C3 H8 O3'
MG non-polymer 'MAGNESIUM ION' 'Mg 2'
#
# COMPACT_ATOMS: atom_id res chain seq x y z
N GLY A 4 6.91 -9.10 -0.33
CA GLY A 4 7.02 -7.67 -0.15
C GLY A 4 7.03 -7.26 1.32
N PHE A 5 7.90 -6.32 1.66
CA PHE A 5 8.08 -5.88 3.04
C PHE A 5 6.79 -5.36 3.63
N PHE A 6 6.46 -5.82 4.84
CA PHE A 6 5.38 -5.24 5.64
C PHE A 6 5.77 -5.32 7.11
N LYS A 7 5.64 -4.21 7.82
CA LYS A 7 5.87 -4.21 9.26
C LYS A 7 4.95 -3.23 9.94
N GLN A 8 4.48 -3.63 11.11
CA GLN A 8 3.62 -2.82 11.94
C GLN A 8 4.34 -2.52 13.25
N LEU A 9 4.28 -1.25 13.69
CA LEU A 9 4.92 -0.80 14.93
C LEU A 9 3.94 0.04 15.75
N THR A 10 3.97 -0.16 17.06
CA THR A 10 3.25 0.71 17.98
C THR A 10 4.17 1.81 18.48
N LEU A 11 3.74 3.05 18.36
CA LEU A 11 4.49 4.19 18.84
C LEU A 11 4.23 4.38 20.34
N PRO A 12 5.14 5.08 21.04
CA PRO A 12 4.91 5.30 22.47
C PRO A 12 3.60 6.04 22.77
N SER A 13 3.13 6.84 21.82
CA SER A 13 1.86 7.56 21.98
C SER A 13 0.64 6.62 21.96
N GLY A 14 0.83 5.40 21.50
CA GLY A 14 -0.29 4.49 21.24
C GLY A 14 -0.72 4.43 19.79
N GLN A 15 -0.32 5.40 18.98
CA GLN A 15 -0.58 5.30 17.54
C GLN A 15 0.17 4.13 16.97
N VAL A 16 -0.27 3.70 15.80
CA VAL A 16 0.29 2.53 15.15
C VAL A 16 0.65 2.92 13.73
N VAL A 17 1.79 2.43 13.25
N VAL A 17 1.80 2.45 13.27
CA VAL A 17 2.24 2.71 11.89
CA VAL A 17 2.20 2.67 11.88
C VAL A 17 2.50 1.39 11.19
C VAL A 17 2.47 1.35 11.19
N THR A 18 2.18 1.33 9.90
CA THR A 18 2.63 0.24 9.05
C THR A 18 3.47 0.79 7.91
N VAL A 19 4.39 -0.03 7.45
CA VAL A 19 5.27 0.33 6.35
C VAL A 19 5.27 -0.85 5.40
N SER A 20 5.01 -0.56 4.12
CA SER A 20 4.88 -1.60 3.09
C SER A 20 5.57 -1.19 1.82
N GLU A 21 6.23 -2.14 1.14
CA GLU A 21 6.66 -1.91 -0.24
C GLU A 21 5.47 -2.02 -1.18
N GLY A 22 5.54 -1.31 -2.30
CA GLY A 22 4.46 -1.38 -3.27
C GLY A 22 4.27 -2.76 -3.88
N ARG A 23 3.01 -3.15 -4.04
CA ARG A 23 2.68 -4.47 -4.54
CA ARG A 23 2.66 -4.47 -4.55
C ARG A 23 2.99 -4.59 -6.04
N GLY A 24 3.56 -5.73 -6.41
CA GLY A 24 3.86 -6.03 -7.80
C GLY A 24 5.14 -5.41 -8.32
N GLU A 25 5.82 -4.64 -7.49
CA GLU A 25 7.02 -3.91 -7.89
C GLU A 25 8.25 -4.82 -7.89
N PRO A 26 9.29 -4.38 -8.59
CA PRO A 26 10.54 -5.13 -8.50
C PRO A 26 11.22 -5.01 -7.15
N ALA A 27 12.18 -5.89 -6.93
CA ALA A 27 12.94 -5.84 -5.70
C ALA A 27 13.82 -4.60 -5.58
N SER A 28 14.37 -4.14 -6.71
CA SER A 28 15.43 -3.13 -6.67
C SER A 28 14.94 -1.71 -6.60
N THR A 29 13.68 -1.47 -6.95
CA THR A 29 13.21 -0.10 -7.06
C THR A 29 11.70 -0.08 -6.99
N GLY A 30 11.12 1.07 -6.68
CA GLY A 30 9.68 1.21 -6.65
C GLY A 30 9.31 2.23 -5.61
N SER A 31 8.41 1.83 -4.71
CA SER A 31 7.87 2.73 -3.71
C SER A 31 7.70 1.98 -2.40
N TYR A 32 7.42 2.75 -1.37
CA TYR A 32 6.88 2.20 -0.15
C TYR A 32 5.88 3.19 0.39
N ASP A 33 5.03 2.73 1.30
CA ASP A 33 4.11 3.62 1.96
C ASP A 33 4.19 3.45 3.46
N VAL A 34 3.85 4.55 4.12
CA VAL A 34 3.74 4.61 5.56
C VAL A 34 2.31 5.00 5.85
N ARG A 35 1.66 4.24 6.72
CA ARG A 35 0.25 4.48 7.09
C ARG A 35 0.18 4.60 8.59
N LEU A 36 -0.51 5.64 9.06
CA LEU A 36 -0.66 5.95 10.47
C LEU A 36 -2.09 5.72 10.89
N TYR A 37 -2.25 5.04 12.01
CA TYR A 37 -3.54 4.69 12.60
C TYR A 37 -3.57 5.19 14.04
N SER A 38 -4.75 5.46 14.58
CA SER A 38 -4.83 5.99 15.94
C SER A 38 -4.43 4.96 16.98
N GLY A 39 -4.64 3.67 16.71
CA GLY A 39 -4.40 2.63 17.71
C GLY A 39 -5.36 2.71 18.88
N ALA A 40 -6.49 3.39 18.71
CA ALA A 40 -7.38 3.65 19.85
C ALA A 40 -7.90 2.38 20.50
N ASN A 41 -8.18 1.37 19.69
CA ASN A 41 -8.67 0.07 20.16
C ASN A 41 -7.55 -0.94 20.04
N PRO A 42 -6.88 -1.27 21.15
CA PRO A 42 -5.75 -2.19 21.02
C PRO A 42 -6.10 -3.59 20.53
N GLN A 43 -7.36 -3.98 20.62
CA GLN A 43 -7.76 -5.28 20.09
C GLN A 43 -7.74 -5.30 18.55
N PHE A 44 -7.88 -4.13 17.96
CA PHE A 44 -7.96 -3.96 16.50
C PHE A 44 -7.20 -2.69 16.13
N PRO A 45 -5.87 -2.76 16.15
CA PRO A 45 -5.05 -1.56 16.08
C PRO A 45 -4.98 -0.90 14.72
N LEU A 46 -5.47 -1.56 13.66
CA LEU A 46 -5.51 -0.94 12.33
C LEU A 46 -6.90 -0.49 11.92
N ASP A 47 -7.79 -0.33 12.88
CA ASP A 47 -9.18 -0.01 12.56
C ASP A 47 -9.43 1.47 12.35
N GLN A 48 -8.52 2.37 12.73
CA GLN A 48 -8.77 3.79 12.65
CA GLN A 48 -8.78 3.80 12.63
C GLN A 48 -7.64 4.51 11.90
N PHE A 49 -7.71 4.45 10.59
CA PHE A 49 -6.75 5.09 9.74
C PHE A 49 -6.78 6.59 9.91
N ILE A 50 -5.60 7.20 9.92
CA ILE A 50 -5.45 8.64 10.00
C ILE A 50 -4.90 9.25 8.70
N ASP A 51 -3.75 8.77 8.25
CA ASP A 51 -3.10 9.34 7.06
C ASP A 51 -2.05 8.37 6.54
N GLY A 52 -1.64 8.57 5.29
CA GLY A 52 -0.60 7.77 4.71
C GLY A 52 0.14 8.53 3.66
N LYS A 53 1.36 8.10 3.38
CA LYS A 53 2.22 8.73 2.37
C LYS A 53 2.93 7.65 1.60
N VAL A 54 3.13 7.91 0.30
CA VAL A 54 3.86 7.00 -0.58
C VAL A 54 5.12 7.70 -1.05
N LEU A 55 6.26 7.01 -0.93
CA LEU A 55 7.55 7.57 -1.29
C LEU A 55 8.29 6.61 -2.21
N PRO A 56 9.22 7.15 -3.02
CA PRO A 56 10.09 6.29 -3.81
C PRO A 56 11.05 5.50 -2.94
N ARG A 57 11.44 4.33 -3.41
CA ARG A 57 12.53 3.60 -2.78
C ARG A 57 13.54 3.18 -3.78
N ASP A 58 14.77 3.52 -3.46
CA ASP A 58 15.90 3.13 -4.28
C ASP A 58 16.57 1.93 -3.63
N GLY A 59 15.92 0.80 -3.78
CA GLY A 59 16.38 -0.46 -3.25
C GLY A 59 15.29 -1.09 -2.45
N SER A 60 15.69 -1.93 -1.52
CA SER A 60 14.79 -2.66 -0.64
CA SER A 60 14.74 -2.62 -0.66
C SER A 60 14.81 -2.09 0.77
N ILE A 61 13.68 -2.09 1.45
CA ILE A 61 13.66 -1.63 2.82
C ILE A 61 14.48 -2.59 3.66
N LYS A 62 15.42 -2.04 4.41
CA LYS A 62 16.36 -2.80 5.19
C LYS A 62 15.93 -2.86 6.65
N GLU A 63 15.45 -1.74 7.18
CA GLU A 63 15.06 -1.68 8.59
C GLU A 63 14.23 -0.43 8.88
N LEU A 64 13.48 -0.50 9.96
CA LEU A 64 12.73 0.64 10.48
C LEU A 64 13.35 0.98 11.83
N LYS A 65 13.51 2.28 12.09
CA LYS A 65 13.99 2.74 13.39
C LYS A 65 13.01 3.75 13.96
N LEU A 66 12.90 3.74 15.29
CA LEU A 66 12.12 4.73 16.03
C LEU A 66 13.06 5.47 16.96
N LEU A 67 13.33 6.73 16.64
CA LEU A 67 14.33 7.49 17.38
C LEU A 67 13.96 8.95 17.34
N ASP A 68 14.16 9.66 18.45
CA ASP A 68 13.88 11.09 18.50
C ASP A 68 14.98 11.88 17.79
N LEU A 69 14.64 12.47 16.65
CA LEU A 69 15.61 13.21 15.84
C LEU A 69 15.54 14.70 16.07
N ASN A 70 14.37 15.20 16.48
CA ASN A 70 14.16 16.64 16.60
C ASN A 70 14.18 17.12 18.05
N GLY A 71 14.32 16.18 18.98
CA GLY A 71 14.46 16.52 20.38
C GLY A 71 13.18 16.82 21.13
N ASP A 72 12.03 16.44 20.57
CA ASP A 72 10.75 16.65 21.25
C ASP A 72 10.37 15.47 22.15
N LYS A 73 11.34 14.58 22.36
CA LYS A 73 11.18 13.43 23.25
C LYS A 73 10.15 12.40 22.76
N GLN A 74 9.76 12.51 21.49
CA GLN A 74 8.94 11.50 20.82
C GLN A 74 9.73 10.94 19.66
N PRO A 75 9.58 9.65 19.35
CA PRO A 75 10.36 9.13 18.23
C PRO A 75 9.79 9.50 16.87
N GLU A 76 10.69 9.84 15.94
CA GLU A 76 10.39 9.88 14.51
C GLU A 76 10.55 8.48 13.98
N LEU A 77 9.89 8.22 12.84
CA LEU A 77 10.10 6.98 12.13
C LEU A 77 11.14 7.18 11.08
N ILE A 78 12.10 6.27 11.03
CA ILE A 78 13.12 6.29 9.98
C ILE A 78 13.02 5.01 9.19
N VAL A 79 12.83 5.14 7.88
CA VAL A 79 12.78 4.00 6.97
C VAL A 79 14.09 3.97 6.20
N VAL A 80 14.86 2.89 6.38
CA VAL A 80 16.18 2.75 5.77
C VAL A 80 16.08 1.81 4.58
N VAL A 81 16.64 2.24 3.47
CA VAL A 81 16.57 1.49 2.21
C VAL A 81 17.97 1.23 1.69
N GLU A 82 18.21 0.01 1.23
CA GLU A 82 19.51 -0.44 0.73
CA GLU A 82 19.52 -0.36 0.70
C GLU A 82 19.46 -0.63 -0.79
N SER A 83 20.35 0.03 -1.51
CA SER A 83 20.44 -0.10 -2.97
C SER A 83 20.68 -1.54 -3.36
N ALA A 84 20.07 -1.96 -4.46
CA ALA A 84 20.26 -3.30 -5.01
C ALA A 84 21.58 -3.47 -5.74
N GLY A 85 22.25 -2.36 -6.05
CA GLY A 85 23.55 -2.42 -6.71
C GLY A 85 24.64 -2.88 -5.76
N SER A 86 25.80 -3.21 -6.33
CA SER A 86 26.90 -3.79 -5.58
C SER A 86 27.37 -2.88 -4.47
N GLY A 87 27.19 -1.57 -4.63
CA GLY A 87 27.62 -0.59 -3.65
C GLY A 87 26.79 -0.58 -2.38
N SER A 88 25.57 -1.10 -2.45
CA SER A 88 24.74 -1.27 -1.25
C SER A 88 24.47 0.04 -0.54
N TYR A 89 24.41 1.13 -1.29
CA TYR A 89 24.27 2.45 -0.72
C TYR A 89 22.95 2.58 0.04
N LEU A 90 23.03 3.29 1.15
CA LEU A 90 21.85 3.49 2.00
C LEU A 90 21.20 4.84 1.72
N SER A 91 19.87 4.80 1.80
CA SER A 91 19.07 6.00 1.79
C SER A 91 18.07 5.86 2.91
N ALA A 92 17.49 6.97 3.32
CA ALA A 92 16.52 6.90 4.40
C ALA A 92 15.64 8.12 4.38
N ASP A 93 14.40 7.92 4.80
CA ASP A 93 13.45 8.99 5.02
C ASP A 93 13.04 8.98 6.48
N ALA A 94 12.93 10.16 7.06
CA ALA A 94 12.43 10.32 8.41
C ALA A 94 11.05 10.97 8.38
N PHE A 95 10.18 10.53 9.28
CA PHE A 95 8.81 11.03 9.40
C PHE A 95 8.50 11.42 10.83
N THR A 96 7.80 12.53 10.97
CA THR A 96 7.15 12.84 12.24
C THR A 96 5.77 12.23 12.23
N LEU A 97 5.34 11.77 13.41
CA LEU A 97 4.04 11.11 13.62
C LEU A 97 3.57 11.26 15.09
N ASN A 98 2.45 11.92 15.29
CA ASN A 98 1.91 12.08 16.63
C ASN A 98 0.40 12.38 16.57
N PRO A 99 -0.27 12.27 17.71
CA PRO A 99 -1.73 12.50 17.69
C PRO A 99 -2.12 13.93 17.30
N GLN A 100 -1.29 14.91 17.66
CA GLN A 100 -1.65 16.31 17.47
C GLN A 100 -1.58 16.74 16.00
N GLU A 101 -0.55 16.28 15.30
CA GLU A 101 -0.21 16.81 14.00
C GLU A 101 -0.39 15.77 12.90
N GLY A 102 -0.33 14.50 13.27
CA GLY A 102 -0.43 13.43 12.28
C GLY A 102 0.93 13.03 11.74
N LEU A 103 0.95 12.70 10.45
CA LEU A 103 2.08 12.05 9.78
C LEU A 103 2.69 13.01 8.76
N ASP A 104 3.99 13.31 8.88
CA ASP A 104 4.65 14.20 7.93
C ASP A 104 6.12 13.80 7.73
N SER A 105 6.67 14.04 6.55
N SER A 105 6.66 14.04 6.54
CA SER A 105 8.08 13.74 6.35
CA SER A 105 8.08 13.80 6.31
C SER A 105 8.90 14.79 7.10
C SER A 105 8.89 14.80 7.12
N PHE A 106 10.11 14.40 7.49
CA PHE A 106 10.98 15.25 8.29
C PHE A 106 12.33 15.46 7.61
N ASN A 107 12.86 14.46 6.87
CA ASN A 107 14.14 14.60 6.14
C ASN A 107 14.41 13.38 5.23
N HIS A 108 15.39 13.50 4.33
CA HIS A 108 15.83 12.42 3.42
C HIS A 108 17.35 12.46 3.26
N VAL A 109 17.99 11.29 3.22
CA VAL A 109 19.40 11.19 2.87
C VAL A 109 19.56 10.03 1.90
N GLU A 110 20.61 10.05 1.10
CA GLU A 110 20.84 8.97 0.14
C GLU A 110 22.31 8.94 -0.27
N GLY A 111 22.70 7.81 -0.85
CA GLY A 111 24.06 7.64 -1.35
C GLY A 111 25.07 7.41 -0.25
N LEU A 112 24.63 6.95 0.91
CA LEU A 112 25.52 6.70 2.06
C LEU A 112 26.20 5.38 1.90
N ALA A 113 27.45 5.28 2.36
CA ALA A 113 28.14 3.99 2.34
C ALA A 113 27.45 2.98 3.25
N PRO A 114 27.59 1.69 2.96
CA PRO A 114 26.85 0.65 3.70
C PRO A 114 26.88 0.78 5.23
N ASN A 115 28.04 1.02 5.75
CA ASN A 115 28.26 1.03 7.19
CA ASN A 115 28.24 1.04 7.19
C ASN A 115 28.16 2.42 7.82
N GLU A 116 27.72 3.41 7.04
CA GLU A 116 27.58 4.76 7.55
C GLU A 116 26.36 4.91 8.45
N ASP A 117 26.46 5.79 9.44
CA ASP A 117 25.40 6.03 10.41
C ASP A 117 24.34 6.89 9.75
N VAL A 118 23.18 6.28 9.47
CA VAL A 118 22.08 6.95 8.79
C VAL A 118 21.49 8.02 9.69
N ILE A 119 21.44 7.72 10.97
CA ILE A 119 20.84 8.64 11.93
C ILE A 119 21.66 9.90 12.04
N GLN A 120 22.99 9.76 12.12
CA GLN A 120 23.82 10.94 12.18
CA GLN A 120 23.90 10.89 12.13
C GLN A 120 23.69 11.74 10.89
N ALA A 121 23.54 11.07 9.75
CA ALA A 121 23.39 11.78 8.49
C ALA A 121 22.11 12.60 8.45
N LEU A 122 21.05 12.04 9.04
CA LEU A 122 19.76 12.71 9.10
C LEU A 122 19.73 13.86 10.10
N LYS A 123 20.72 13.92 10.99
CA LYS A 123 20.79 14.95 12.01
C LYS A 123 21.80 16.04 11.66
N THR A 124 22.65 15.77 10.67
CA THR A 124 23.67 16.72 10.25
CA THR A 124 23.67 16.72 10.25
C THR A 124 23.22 17.43 8.97
N GLY B 4 -6.11 -9.34 -0.43
CA GLY B 4 -6.36 -7.91 -0.35
C GLY B 4 -6.61 -7.30 -1.72
N PHE B 5 -7.45 -6.26 -1.77
CA PHE B 5 -7.81 -5.64 -3.04
C PHE B 5 -6.59 -5.05 -3.73
N PHE B 6 -6.43 -5.42 -4.99
CA PHE B 6 -5.37 -4.90 -5.84
C PHE B 6 -5.81 -4.97 -7.28
N LYS B 7 -5.69 -3.85 -7.99
CA LYS B 7 -5.97 -3.82 -9.42
C LYS B 7 -4.96 -2.96 -10.12
N GLN B 8 -4.58 -3.37 -11.33
CA GLN B 8 -3.65 -2.63 -12.16
C GLN B 8 -4.33 -2.29 -13.48
N LEU B 9 -4.18 -1.04 -13.91
CA LEU B 9 -4.79 -0.54 -15.16
C LEU B 9 -3.74 0.20 -15.97
N THR B 10 -3.73 -0.02 -17.28
CA THR B 10 -2.94 0.78 -18.18
C THR B 10 -3.79 1.91 -18.70
N LEU B 11 -3.30 3.12 -18.58
CA LEU B 11 -3.98 4.29 -19.07
C LEU B 11 -3.75 4.46 -20.55
N PRO B 12 -4.63 5.20 -21.24
CA PRO B 12 -4.38 5.42 -22.67
C PRO B 12 -3.04 6.06 -22.98
N SER B 13 -2.52 6.88 -22.05
CA SER B 13 -1.22 7.54 -22.21
C SER B 13 -0.07 6.56 -22.19
N GLY B 14 -0.32 5.36 -21.68
CA GLY B 14 0.74 4.39 -21.45
C GLY B 14 1.18 4.27 -20.02
N GLN B 15 0.85 5.27 -19.19
CA GLN B 15 1.15 5.15 -17.78
C GLN B 15 0.29 4.05 -17.17
N VAL B 16 0.69 3.58 -16.00
CA VAL B 16 0.04 2.47 -15.34
C VAL B 16 -0.31 2.89 -13.92
N VAL B 17 -1.51 2.57 -13.50
CA VAL B 17 -1.92 2.79 -12.11
CA VAL B 17 -1.95 2.81 -12.14
C VAL B 17 -2.22 1.50 -11.42
N THR B 18 -1.92 1.44 -10.13
CA THR B 18 -2.42 0.37 -9.29
C THR B 18 -3.22 0.98 -8.16
N VAL B 19 -4.18 0.20 -7.68
CA VAL B 19 -5.04 0.60 -6.58
C VAL B 19 -5.12 -0.55 -5.60
N SER B 20 -4.87 -0.26 -4.33
CA SER B 20 -4.80 -1.29 -3.28
C SER B 20 -5.52 -0.80 -2.03
N GLU B 21 -6.17 -1.72 -1.32
CA GLU B 21 -6.56 -1.43 0.06
C GLU B 21 -5.39 -1.65 1.01
N GLY B 22 -5.39 -0.96 2.13
CA GLY B 22 -4.32 -1.11 3.11
C GLY B 22 -4.22 -2.50 3.69
N ARG B 23 -3.00 -3.00 3.82
CA ARG B 23 -2.77 -4.33 4.34
C ARG B 23 -3.07 -4.43 5.82
N GLY B 24 -3.74 -5.50 6.20
CA GLY B 24 -4.05 -5.74 7.61
C GLY B 24 -5.30 -5.05 8.09
N GLU B 25 -5.89 -4.22 7.23
CA GLU B 25 -7.05 -3.42 7.60
C GLU B 25 -8.33 -4.24 7.56
N PRO B 26 -9.36 -3.78 8.26
CA PRO B 26 -10.65 -4.46 8.16
C PRO B 26 -11.31 -4.25 6.81
N ALA B 27 -12.34 -5.04 6.57
CA ALA B 27 -13.09 -4.94 5.32
C ALA B 27 -13.91 -3.64 5.28
N SER B 28 -14.40 -3.19 6.42
CA SER B 28 -15.39 -2.11 6.43
C SER B 28 -14.84 -0.72 6.37
N THR B 29 -13.55 -0.57 6.70
CA THR B 29 -12.97 0.75 6.85
C THR B 29 -11.47 0.65 6.77
N GLY B 30 -10.84 1.78 6.46
CA GLY B 30 -9.39 1.85 6.43
C GLY B 30 -8.96 2.85 5.38
N SER B 31 -8.10 2.41 4.49
CA SER B 31 -7.50 3.27 3.48
C SER B 31 -7.37 2.53 2.18
N TYR B 32 -7.06 3.28 1.14
CA TYR B 32 -6.59 2.69 -0.10
C TYR B 32 -5.55 3.63 -0.65
N ASP B 33 -4.74 3.12 -1.56
CA ASP B 33 -3.77 3.94 -2.24
C ASP B 33 -3.86 3.76 -3.74
N VAL B 34 -3.49 4.82 -4.43
CA VAL B 34 -3.35 4.83 -5.87
C VAL B 34 -1.89 5.15 -6.16
N ARG B 35 -1.26 4.33 -6.98
CA ARG B 35 0.14 4.51 -7.37
C ARG B 35 0.22 4.63 -8.88
N LEU B 36 1.03 5.57 -9.35
CA LEU B 36 1.20 5.87 -10.76
C LEU B 36 2.64 5.53 -11.15
N TYR B 37 2.78 4.83 -12.28
CA TYR B 37 4.04 4.38 -12.85
C TYR B 37 4.12 4.89 -14.28
N SER B 38 5.31 5.11 -14.80
CA SER B 38 5.43 5.63 -16.15
C SER B 38 4.96 4.65 -17.22
N GLY B 39 5.12 3.36 -16.98
CA GLY B 39 4.81 2.35 -17.97
C GLY B 39 5.76 2.37 -19.15
N ALA B 40 6.94 2.93 -18.98
CA ALA B 40 7.85 3.16 -20.11
C ALA B 40 8.29 1.87 -20.76
N ASN B 41 8.52 0.83 -19.95
CA ASN B 41 8.93 -0.46 -20.45
C ASN B 41 7.74 -1.40 -20.34
N PRO B 42 7.06 -1.68 -21.45
CA PRO B 42 5.87 -2.54 -21.34
C PRO B 42 6.13 -3.95 -20.83
N GLN B 43 7.36 -4.41 -20.93
CA GLN B 43 7.69 -5.73 -20.40
C GLN B 43 7.65 -5.76 -18.87
N PHE B 44 7.88 -4.60 -18.25
CA PHE B 44 7.95 -4.45 -16.80
C PHE B 44 7.25 -3.15 -16.43
N PRO B 45 5.92 -3.16 -16.44
CA PRO B 45 5.15 -1.93 -16.36
C PRO B 45 5.16 -1.24 -15.00
N LEU B 46 5.60 -1.93 -13.94
CA LEU B 46 5.64 -1.31 -12.61
C LEU B 46 7.07 -0.93 -12.19
N ASP B 47 7.98 -0.84 -13.16
CA ASP B 47 9.37 -0.58 -12.84
C ASP B 47 9.72 0.88 -12.60
N GLN B 48 8.88 1.82 -13.00
CA GLN B 48 9.21 3.23 -12.88
CA GLN B 48 9.22 3.23 -12.89
C GLN B 48 8.12 4.00 -12.15
N PHE B 49 8.19 3.93 -10.83
CA PHE B 49 7.24 4.62 -9.96
C PHE B 49 7.37 6.11 -10.12
N ILE B 50 6.23 6.79 -10.18
CA ILE B 50 6.16 8.25 -10.26
C ILE B 50 5.65 8.85 -8.96
N ASP B 51 4.47 8.44 -8.50
CA ASP B 51 3.88 9.05 -7.31
C ASP B 51 2.76 8.17 -6.79
N GLY B 52 2.33 8.40 -5.54
CA GLY B 52 1.23 7.67 -4.97
C GLY B 52 0.55 8.51 -3.91
N LYS B 53 -0.70 8.19 -3.65
CA LYS B 53 -1.50 8.87 -2.65
CA LYS B 53 -1.50 8.88 -2.66
C LYS B 53 -2.32 7.86 -1.88
N VAL B 54 -2.51 8.11 -0.58
CA VAL B 54 -3.30 7.27 0.30
C VAL B 54 -4.50 8.08 0.78
N LEU B 55 -5.69 7.51 0.65
CA LEU B 55 -6.93 8.14 1.08
CA LEU B 55 -6.91 8.15 1.11
C LEU B 55 -7.72 7.20 1.97
N PRO B 56 -8.60 7.77 2.82
CA PRO B 56 -9.49 6.93 3.61
C PRO B 56 -10.53 6.23 2.75
N ARG B 57 -11.00 5.09 3.22
CA ARG B 57 -12.16 4.43 2.61
C ARG B 57 -13.17 4.06 3.65
N ASP B 58 -14.41 4.42 3.33
CA ASP B 58 -15.54 4.08 4.14
C ASP B 58 -16.26 2.89 3.49
N GLY B 59 -15.64 1.73 3.62
CA GLY B 59 -16.16 0.50 3.07
C GLY B 59 -15.13 -0.17 2.21
N SER B 60 -15.59 -0.94 1.25
CA SER B 60 -14.74 -1.70 0.34
C SER B 60 -14.78 -1.09 -1.04
N ILE B 61 -13.65 -1.14 -1.74
CA ILE B 61 -13.63 -0.67 -3.12
C ILE B 61 -14.54 -1.54 -3.95
N LYS B 62 -15.46 -0.87 -4.66
CA LYS B 62 -16.48 -1.52 -5.46
C LYS B 62 -16.12 -1.50 -6.95
N GLU B 63 -15.59 -0.37 -7.41
CA GLU B 63 -15.26 -0.27 -8.82
C GLU B 63 -14.28 0.85 -9.08
N LEU B 64 -13.54 0.71 -10.18
CA LEU B 64 -12.66 1.73 -10.71
C LEU B 64 -13.19 2.14 -12.06
N LYS B 65 -13.21 3.44 -12.29
CA LYS B 65 -13.69 3.97 -13.56
C LYS B 65 -12.65 4.93 -14.10
N LEU B 66 -12.44 4.91 -15.42
CA LEU B 66 -11.66 5.94 -16.09
C LEU B 66 -12.59 6.89 -16.82
N LEU B 67 -12.43 8.17 -16.54
CA LEU B 67 -13.37 9.20 -17.01
C LEU B 67 -12.59 10.20 -17.84
N ASP B 68 -13.01 10.43 -19.08
CA ASP B 68 -12.30 11.32 -19.98
C ASP B 68 -13.25 12.39 -20.50
N LEU B 69 -13.45 13.45 -19.71
CA LEU B 69 -14.44 14.48 -20.02
C LEU B 69 -13.83 15.85 -20.25
N ASN B 70 -12.57 16.03 -19.90
CA ASN B 70 -11.98 17.36 -19.90
C ASN B 70 -11.33 17.73 -21.21
N GLY B 71 -10.60 16.79 -21.80
CA GLY B 71 -9.76 17.04 -22.96
C GLY B 71 -8.30 16.96 -22.62
N ASP B 72 -7.99 16.30 -21.50
CA ASP B 72 -6.61 16.19 -21.05
C ASP B 72 -5.86 15.02 -21.68
N LYS B 73 -4.54 15.01 -21.50
CA LYS B 73 -3.68 13.96 -22.07
C LYS B 73 -3.87 12.65 -21.30
N GLN B 74 -4.64 12.71 -20.22
CA GLN B 74 -4.93 11.52 -19.43
C GLN B 74 -6.33 11.61 -18.83
N PRO B 75 -7.01 10.46 -18.67
CA PRO B 75 -8.34 10.51 -18.05
C PRO B 75 -8.20 10.67 -16.56
N GLU B 76 -9.32 10.81 -15.86
CA GLU B 76 -9.32 10.73 -14.41
C GLU B 76 -9.67 9.34 -13.97
N LEU B 77 -9.13 8.95 -12.82
CA LEU B 77 -9.50 7.69 -12.20
C LEU B 77 -10.50 7.99 -11.10
N ILE B 78 -11.62 7.29 -11.12
CA ILE B 78 -12.60 7.36 -10.05
CA ILE B 78 -12.62 7.35 -10.07
C ILE B 78 -12.59 6.05 -9.29
N VAL B 79 -12.42 6.16 -7.97
CA VAL B 79 -12.43 5.00 -7.10
C VAL B 79 -13.74 5.08 -6.31
N VAL B 80 -14.58 4.06 -6.47
CA VAL B 80 -15.91 4.02 -5.85
C VAL B 80 -15.87 3.00 -4.72
N VAL B 81 -16.34 3.41 -3.56
CA VAL B 81 -16.30 2.63 -2.33
C VAL B 81 -17.73 2.43 -1.83
N GLU B 82 -18.04 1.22 -1.41
CA GLU B 82 -19.38 0.87 -0.89
C GLU B 82 -19.30 0.63 0.62
N SER B 83 -20.15 1.31 1.38
CA SER B 83 -20.23 1.13 2.82
C SER B 83 -20.54 -0.30 3.18
N ALA B 84 -19.97 -0.78 4.28
CA ALA B 84 -20.25 -2.11 4.79
C ALA B 84 -21.57 -2.22 5.50
N GLY B 85 -22.18 -1.10 5.86
CA GLY B 85 -23.49 -1.13 6.48
C GLY B 85 -24.59 -1.54 5.51
N SER B 86 -25.76 -1.84 6.06
CA SER B 86 -26.85 -2.37 5.25
C SER B 86 -27.30 -1.38 4.15
N GLY B 87 -27.06 -0.10 4.37
CA GLY B 87 -27.47 0.89 3.40
C GLY B 87 -26.61 0.94 2.15
N SER B 88 -25.39 0.40 2.23
CA SER B 88 -24.53 0.24 1.06
C SER B 88 -24.22 1.56 0.36
N TYR B 89 -24.10 2.63 1.14
CA TYR B 89 -23.90 3.96 0.61
C TYR B 89 -22.59 4.02 -0.15
N LEU B 90 -22.61 4.76 -1.25
CA LEU B 90 -21.43 4.94 -2.08
C LEU B 90 -20.70 6.23 -1.77
N SER B 91 -19.38 6.13 -1.82
CA SER B 91 -18.49 7.27 -1.80
C SER B 91 -17.51 7.12 -2.94
N ALA B 92 -16.88 8.22 -3.33
CA ALA B 92 -15.94 8.18 -4.44
C ALA B 92 -14.98 9.33 -4.38
N ASP B 93 -13.78 9.08 -4.89
CA ASP B 93 -12.75 10.09 -5.09
C ASP B 93 -12.31 10.08 -6.55
N ALA B 94 -12.10 11.27 -7.09
CA ALA B 94 -11.57 11.41 -8.45
C ALA B 94 -10.10 11.78 -8.34
N PHE B 95 -9.28 11.12 -9.17
CA PHE B 95 -7.85 11.39 -9.22
C PHE B 95 -7.44 11.95 -10.56
N THR B 96 -6.64 13.01 -10.50
CA THR B 96 -5.95 13.53 -11.67
CA THR B 96 -5.96 13.55 -11.66
C THR B 96 -4.66 12.75 -11.82
N LEU B 97 -4.33 12.37 -13.04
CA LEU B 97 -3.20 11.46 -13.26
C LEU B 97 -2.06 12.10 -14.06
N ASN B 98 -1.61 13.28 -13.63
CA ASN B 98 -0.62 14.04 -14.40
C ASN B 98 0.70 13.29 -14.59
N PRO B 99 1.03 12.95 -15.85
CA PRO B 99 2.27 12.21 -16.12
C PRO B 99 3.52 12.84 -15.49
N GLY B 102 2.50 13.78 -8.91
CA GLY B 102 2.02 13.24 -10.15
C GLY B 102 0.53 13.02 -10.03
N LEU B 103 0.12 12.59 -8.85
CA LEU B 103 -1.28 12.36 -8.59
C LEU B 103 -1.84 13.50 -7.82
N ASP B 104 -3.15 13.68 -7.93
CA ASP B 104 -3.85 14.57 -7.03
C ASP B 104 -5.28 14.08 -6.92
N SER B 105 -5.92 14.37 -5.80
CA SER B 105 -7.36 14.17 -5.70
C SER B 105 -7.92 15.31 -4.89
N PHE B 106 -8.90 16.00 -5.46
CA PHE B 106 -9.55 17.13 -4.78
C PHE B 106 -11.04 17.11 -5.01
N ASN B 107 -11.60 15.93 -5.28
CA ASN B 107 -13.03 15.79 -5.35
C ASN B 107 -13.48 14.48 -4.73
N HIS B 108 -14.25 14.62 -3.65
CA HIS B 108 -14.75 13.50 -2.87
C HIS B 108 -16.25 13.64 -2.70
N VAL B 109 -16.98 12.54 -2.87
CA VAL B 109 -18.42 12.50 -2.54
C VAL B 109 -18.68 11.30 -1.66
N GLU B 110 -19.75 11.39 -0.87
CA GLU B 110 -20.11 10.29 0.01
C GLU B 110 -21.59 10.32 0.33
N GLY B 111 -22.07 9.20 0.86
CA GLY B 111 -23.44 9.10 1.30
C GLY B 111 -24.44 8.92 0.18
N LEU B 112 -23.98 8.47 -0.98
CA LEU B 112 -24.85 8.29 -2.14
C LEU B 112 -25.65 7.00 -2.03
N ALA B 113 -26.86 7.01 -2.57
CA ALA B 113 -27.68 5.81 -2.61
C ALA B 113 -27.06 4.76 -3.52
N PRO B 114 -27.31 3.48 -3.26
CA PRO B 114 -26.82 2.45 -4.19
C PRO B 114 -27.13 2.78 -5.67
N ASN B 115 -28.25 3.48 -5.94
CA ASN B 115 -28.65 3.94 -7.29
C ASN B 115 -28.10 5.27 -7.81
N GLU B 116 -27.34 6.01 -7.01
CA GLU B 116 -26.84 7.31 -7.46
C GLU B 116 -25.80 7.19 -8.58
N ASP B 117 -25.86 8.12 -9.52
CA ASP B 117 -24.86 8.28 -10.55
C ASP B 117 -23.63 8.95 -9.92
N VAL B 118 -22.54 8.21 -9.75
CA VAL B 118 -21.35 8.73 -9.08
C VAL B 118 -20.71 9.87 -9.87
N ILE B 119 -20.67 9.74 -11.19
CA ILE B 119 -20.05 10.73 -12.04
C ILE B 119 -20.80 12.05 -11.91
N GLN B 120 -22.12 12.01 -11.92
CA GLN B 120 -22.88 13.24 -11.80
CA GLN B 120 -22.92 13.22 -11.79
C GLN B 120 -22.78 13.83 -10.39
N ALA B 121 -22.66 12.98 -9.37
CA ALA B 121 -22.50 13.47 -8.02
C ALA B 121 -21.18 14.23 -7.89
N LEU B 122 -20.12 13.69 -8.49
CA LEU B 122 -18.82 14.36 -8.45
C LEU B 122 -18.87 15.68 -9.21
N LYS B 123 -19.71 15.76 -10.24
CA LYS B 123 -19.78 16.94 -11.08
C LYS B 123 -20.57 18.09 -10.43
N THR B 124 -21.43 17.77 -9.47
CA THR B 124 -22.25 18.76 -8.77
C THR B 124 -21.49 19.52 -7.68
N PRO B 125 -21.41 20.86 -7.78
CA PRO B 125 -20.76 21.66 -6.72
C PRO B 125 -21.44 21.48 -5.36
N ARG B 126 -20.70 21.66 -4.27
CA ARG B 126 -21.22 21.34 -2.95
C ARG B 126 -22.40 22.21 -2.51
N ASP B 127 -22.36 23.49 -2.85
CA ASP B 127 -23.46 24.38 -2.45
C ASP B 127 -24.61 24.36 -3.49
N LEU B 128 -24.53 23.41 -4.42
CA LEU B 128 -25.63 23.14 -5.35
C LEU B 128 -26.25 21.77 -5.05
N PHE C 1 -32.09 -13.15 21.00
CA PHE C 1 -30.89 -12.84 20.18
C PHE C 1 -29.67 -13.02 21.06
N ALA C 2 -28.51 -13.04 20.44
CA ALA C 2 -27.26 -13.08 21.18
C ALA C 2 -27.17 -11.86 22.09
N GLY C 3 -26.54 -12.06 23.23
CA GLY C 3 -26.30 -10.98 24.17
C GLY C 3 -25.05 -10.23 23.78
N GLY C 4 -24.80 -9.14 24.49
CA GLY C 4 -23.71 -8.25 24.19
C GLY C 4 -24.05 -6.81 24.51
N ILE C 5 -23.37 -5.87 23.86
CA ILE C 5 -23.57 -4.48 24.22
C ILE C 5 -24.85 -3.87 23.67
N VAL C 6 -25.45 -4.52 22.66
CA VAL C 6 -26.72 -4.07 22.10
C VAL C 6 -27.89 -4.72 22.85
N SER C 7 -28.90 -3.94 23.19
CA SER C 7 -30.04 -4.48 23.93
C SER C 7 -30.87 -5.39 23.04
N GLN C 8 -31.63 -6.28 23.66
CA GLN C 8 -32.50 -7.16 22.93
C GLN C 8 -33.57 -6.40 22.16
N ARG C 9 -34.14 -5.35 22.76
CA ARG C 9 -35.17 -4.57 22.08
CA ARG C 9 -35.17 -4.57 22.08
C ARG C 9 -34.59 -3.84 20.88
N CYS C 10 -33.37 -3.31 21.02
CA CYS C 10 -32.72 -2.68 19.89
C CYS C 10 -32.49 -3.68 18.75
N LEU C 11 -31.96 -4.86 19.08
CA LEU C 11 -31.77 -5.89 18.05
C LEU C 11 -33.08 -6.25 17.37
N SER C 12 -34.15 -6.36 18.14
CA SER C 12 -35.45 -6.70 17.56
CA SER C 12 -35.47 -6.68 17.59
C SER C 12 -35.88 -5.63 16.57
N CYS C 13 -35.72 -4.37 16.93
CA CYS C 13 -36.07 -3.26 16.07
C CYS C 13 -35.23 -3.23 14.80
N ILE C 14 -33.91 -3.43 14.91
CA ILE C 14 -33.07 -3.49 13.73
C ILE C 14 -33.48 -4.66 12.84
N CYS C 15 -33.72 -5.81 13.46
CA CYS C 15 -34.15 -7.00 12.73
C CYS C 15 -35.44 -6.74 11.94
N LYS C 16 -36.43 -6.15 12.60
CA LYS C 16 -37.67 -5.80 11.94
C LYS C 16 -37.45 -4.79 10.81
N MET C 17 -36.58 -3.82 11.05
CA MET C 17 -36.29 -2.80 10.05
C MET C 17 -35.67 -3.42 8.80
N GLU C 18 -34.74 -4.36 8.98
CA GLU C 18 -34.00 -4.91 7.86
C GLU C 18 -34.80 -5.90 7.03
N SER C 19 -35.59 -6.72 7.70
CA SER C 19 -36.19 -7.87 7.04
C SER C 19 -37.60 -8.23 7.51
N GLY C 20 -38.19 -7.42 8.38
CA GLY C 20 -39.39 -7.84 9.06
C GLY C 20 -39.07 -8.97 10.03
N CYS C 21 -37.79 -9.06 10.40
CA CYS C 21 -37.24 -10.16 11.19
C CYS C 21 -37.61 -11.54 10.66
N ARG C 22 -37.17 -11.76 9.43
CA ARG C 22 -37.43 -12.98 8.69
C ARG C 22 -36.14 -13.36 8.00
N ASN C 23 -35.94 -14.65 7.77
CA ASN C 23 -34.87 -15.08 6.91
C ASN C 23 -35.28 -14.90 5.45
N VAL C 24 -35.08 -13.70 4.94
CA VAL C 24 -35.55 -13.30 3.61
C VAL C 24 -34.63 -13.71 2.47
N GLY C 25 -33.53 -14.38 2.79
CA GLY C 25 -32.52 -14.72 1.79
C GLY C 25 -31.55 -13.59 1.50
N CYS C 26 -30.94 -13.63 0.32
CA CYS C 26 -29.99 -12.61 -0.07
C CYS C 26 -30.66 -11.68 -1.09
N LYS C 27 -30.44 -10.38 -0.92
CA LYS C 27 -31.11 -9.34 -1.72
C LYS C 27 -30.08 -8.70 -2.62
N MET C 28 -30.55 -8.36 -3.82
CA MET C 28 -29.73 -8.03 -4.99
C MET C 28 -29.90 -6.58 -5.44
N ASP C 29 -30.67 -5.81 -4.66
CA ASP C 29 -31.05 -4.43 -5.01
C ASP C 29 -30.35 -3.34 -4.22
N MET C 30 -29.25 -3.68 -3.58
CA MET C 30 -28.45 -2.70 -2.84
C MET C 30 -26.96 -2.84 -3.12
N GLY C 31 -26.58 -3.09 -4.36
CA GLY C 31 -25.16 -3.27 -4.65
C GLY C 31 -24.75 -4.66 -4.23
N SER C 32 -23.76 -4.79 -3.33
CA SER C 32 -23.31 -6.11 -2.94
C SER C 32 -24.41 -6.90 -2.26
N LEU C 33 -24.38 -8.20 -2.48
CA LEU C 33 -25.35 -9.13 -1.88
CA LEU C 33 -25.35 -9.11 -1.91
C LEU C 33 -25.42 -8.95 -0.38
N SER C 34 -26.64 -8.84 0.12
CA SER C 34 -26.93 -8.66 1.56
CA SER C 34 -26.87 -8.72 1.54
C SER C 34 -27.89 -9.75 2.00
N CYS C 35 -27.64 -10.37 3.15
CA CYS C 35 -28.34 -11.61 3.47
C CYS C 35 -29.02 -11.67 4.82
N GLY C 36 -30.17 -12.33 4.84
CA GLY C 36 -30.77 -12.78 6.08
C GLY C 36 -31.47 -11.75 6.92
N TYR C 37 -31.71 -12.15 8.17
CA TYR C 37 -32.45 -11.39 9.15
C TYR C 37 -32.00 -9.94 9.30
N PHE C 38 -30.69 -9.72 9.27
CA PHE C 38 -30.12 -8.40 9.51
C PHE C 38 -29.53 -7.78 8.26
N GLN C 39 -29.69 -8.45 7.12
CA GLN C 39 -29.16 -7.94 5.84
C GLN C 39 -27.67 -7.61 5.97
N ILE C 40 -26.93 -8.64 6.35
CA ILE C 40 -25.49 -8.57 6.52
C ILE C 40 -24.76 -8.91 5.22
N LYS C 41 -23.85 -8.04 4.82
CA LYS C 41 -23.01 -8.30 3.68
C LYS C 41 -21.72 -8.98 4.10
N GLU C 42 -21.00 -9.48 3.13
CA GLU C 42 -19.77 -10.24 3.36
CA GLU C 42 -19.80 -10.25 3.40
C GLU C 42 -18.77 -9.45 4.18
N ALA C 43 -18.56 -8.18 3.83
CA ALA C 43 -17.59 -7.35 4.54
C ALA C 43 -17.89 -7.24 6.02
N TYR C 44 -19.18 -7.13 6.34
CA TYR C 44 -19.64 -6.97 7.70
C TYR C 44 -19.36 -8.28 8.47
N TRP C 45 -19.69 -9.41 7.85
CA TRP C 45 -19.47 -10.72 8.47
C TRP C 45 -17.98 -10.97 8.71
N ILE C 46 -17.14 -10.57 7.78
CA ILE C 46 -15.69 -10.71 7.98
C ILE C 46 -15.27 -9.95 9.24
N ASP C 47 -15.72 -8.72 9.34
CA ASP C 47 -15.29 -7.88 10.45
C ASP C 47 -15.90 -8.27 11.78
N CYS C 48 -17.04 -8.94 11.77
CA CYS C 48 -17.67 -9.34 13.03
C CYS C 48 -17.13 -10.67 13.54
N GLY C 49 -16.03 -11.14 12.96
CA GLY C 49 -15.34 -12.30 13.48
C GLY C 49 -15.65 -13.61 12.77
N ARG C 50 -16.26 -13.54 11.59
CA ARG C 50 -16.65 -14.72 10.83
C ARG C 50 -17.32 -15.80 11.68
N PRO C 51 -18.36 -15.43 12.45
CA PRO C 51 -19.04 -16.44 13.27
C PRO C 51 -19.83 -17.43 12.44
N GLY C 52 -19.97 -18.66 12.94
CA GLY C 52 -20.82 -19.63 12.30
C GLY C 52 -20.14 -20.40 11.20
N SER C 53 -20.92 -21.10 10.40
CA SER C 53 -20.37 -22.03 9.40
CA SER C 53 -20.36 -22.01 9.42
C SER C 53 -19.95 -21.32 8.12
N SER C 54 -20.55 -20.18 7.84
CA SER C 54 -20.24 -19.39 6.65
C SER C 54 -21.01 -18.09 6.75
N TRP C 55 -20.68 -17.13 5.88
CA TRP C 55 -21.39 -15.86 5.84
C TRP C 55 -22.91 -16.04 5.67
N LYS C 56 -23.34 -16.76 4.63
CA LYS C 56 -24.76 -16.84 4.35
C LYS C 56 -25.49 -17.71 5.36
N SER C 57 -24.83 -18.73 5.86
CA SER C 57 -25.44 -19.57 6.87
C SER C 57 -25.65 -18.82 8.18
N CYS C 58 -24.63 -18.06 8.59
CA CYS C 58 -24.74 -17.22 9.77
C CYS C 58 -25.85 -16.21 9.57
N ALA C 59 -25.86 -15.55 8.41
CA ALA C 59 -26.83 -14.50 8.14
C ALA C 59 -28.28 -15.01 8.22
N ALA C 60 -28.47 -16.28 7.88
CA ALA C 60 -29.79 -16.90 7.84
C ALA C 60 -30.21 -17.47 9.19
N SER C 61 -29.36 -17.36 10.20
CA SER C 61 -29.67 -17.73 11.57
C SER C 61 -29.89 -16.47 12.41
N SER C 62 -31.05 -16.32 13.03
CA SER C 62 -31.29 -15.13 13.83
CA SER C 62 -31.31 -15.15 13.86
C SER C 62 -30.25 -15.01 14.95
N TYR C 63 -29.89 -16.14 15.56
CA TYR C 63 -28.89 -16.09 16.62
C TYR C 63 -27.51 -15.68 16.09
N CYS C 64 -27.03 -16.37 15.07
CA CYS C 64 -25.68 -16.11 14.58
C CYS C 64 -25.60 -14.72 13.99
N ALA C 65 -26.63 -14.32 13.25
CA ALA C 65 -26.64 -13.01 12.65
C ALA C 65 -26.63 -11.93 13.74
N SER C 66 -27.40 -12.13 14.80
CA SER C 66 -27.39 -11.17 15.89
C SER C 66 -26.07 -11.16 16.66
N LEU C 67 -25.42 -12.32 16.77
CA LEU C 67 -24.08 -12.37 17.35
C LEU C 67 -23.10 -11.55 16.52
N CYS C 68 -23.23 -11.64 15.21
CA CYS C 68 -22.42 -10.84 14.29
C CYS C 68 -22.65 -9.36 14.55
N VAL C 69 -23.91 -8.93 14.66
CA VAL C 69 -24.21 -7.54 15.00
C VAL C 69 -23.57 -7.14 16.34
N GLN C 70 -23.73 -7.98 17.36
CA GLN C 70 -23.13 -7.69 18.67
C GLN C 70 -21.62 -7.49 18.55
N ASN C 71 -20.97 -8.38 17.80
CA ASN C 71 -19.52 -8.31 17.60
C ASN C 71 -19.12 -7.08 16.80
N TYR C 72 -19.91 -6.74 15.78
CA TYR C 72 -19.62 -5.57 14.96
C TYR C 72 -19.67 -4.32 15.81
N MET C 73 -20.67 -4.23 16.68
CA MET C 73 -20.80 -3.06 17.53
C MET C 73 -19.72 -3.00 18.58
N LYS C 74 -19.39 -4.14 19.17
CA LYS C 74 -18.27 -4.19 20.12
C LYS C 74 -16.97 -3.72 19.46
N ARG C 75 -16.76 -4.11 18.21
CA ARG C 75 -15.57 -3.70 17.49
C ARG C 75 -15.53 -2.20 17.19
N TYR C 76 -16.64 -1.65 16.72
CA TYR C 76 -16.60 -0.33 16.10
C TYR C 76 -17.28 0.83 16.84
N ALA C 77 -18.37 0.56 17.56
CA ALA C 77 -19.25 1.64 17.99
C ALA C 77 -18.56 2.62 18.95
N LYS C 78 -17.97 2.11 20.01
CA LYS C 78 -17.36 3.00 20.99
C LYS C 78 -16.30 3.87 20.33
N TRP C 79 -15.50 3.25 19.48
CA TRP C 79 -14.29 3.87 18.94
C TRP C 79 -14.58 4.90 17.87
N ALA C 80 -15.79 4.86 17.33
CA ALA C 80 -16.27 5.88 16.41
C ALA C 80 -16.88 7.08 17.12
N GLY C 81 -16.99 7.02 18.45
CA GLY C 81 -17.65 8.07 19.20
C GLY C 81 -19.18 7.93 19.22
N CYS C 82 -19.67 6.73 18.94
CA CYS C 82 -21.13 6.53 18.88
CA CYS C 82 -21.09 6.43 18.87
C CYS C 82 -21.72 6.47 20.26
N PRO C 83 -22.95 6.98 20.40
CA PRO C 83 -23.68 6.73 21.63
C PRO C 83 -23.96 5.24 21.74
N LEU C 84 -23.72 4.67 22.90
CA LEU C 84 -23.88 3.23 23.09
C LEU C 84 -25.32 2.92 23.47
N ARG C 85 -26.19 3.16 22.50
N ARG C 85 -26.19 3.18 22.51
CA ARG C 85 -27.61 2.86 22.58
CA ARG C 85 -27.62 2.89 22.60
C ARG C 85 -28.10 2.67 21.16
C ARG C 85 -28.10 2.68 21.18
N CYS C 86 -29.37 2.32 21.01
CA CYS C 86 -29.85 1.92 19.69
C CYS C 86 -29.66 3.00 18.62
N GLU C 87 -29.79 4.27 18.93
CA GLU C 87 -29.56 5.32 17.93
CA GLU C 87 -29.57 5.28 17.90
C GLU C 87 -28.19 5.08 17.29
N GLY C 88 -27.19 4.85 18.11
CA GLY C 88 -25.85 4.65 17.60
C GLY C 88 -25.71 3.32 16.88
N PHE C 89 -26.15 2.24 17.53
CA PHE C 89 -25.99 0.91 16.96
C PHE C 89 -26.76 0.73 15.65
N ALA C 90 -27.99 1.22 15.58
CA ALA C 90 -28.77 1.13 14.36
C ALA C 90 -28.07 1.86 13.22
N ARG C 91 -27.52 3.04 13.51
CA ARG C 91 -26.86 3.83 12.49
C ARG C 91 -25.52 3.22 12.06
N GLU C 92 -24.82 2.56 12.98
CA GLU C 92 -23.65 1.76 12.62
C GLU C 92 -24.07 0.60 11.72
N HIS C 93 -25.18 -0.05 12.07
CA HIS C 93 -25.60 -1.20 11.29
C HIS C 93 -25.91 -0.80 9.85
N ASN C 94 -26.60 0.32 9.69
CA ASN C 94 -26.96 0.82 8.37
C ASN C 94 -25.79 1.47 7.62
N GLY C 95 -24.87 2.08 8.35
CA GLY C 95 -23.86 2.94 7.75
C GLY C 95 -22.40 2.56 7.91
N GLY C 96 -22.11 1.46 8.57
CA GLY C 96 -20.73 1.02 8.75
C GLY C 96 -20.11 1.63 10.00
N PRO C 97 -18.77 1.52 10.13
CA PRO C 97 -18.09 1.86 11.38
C PRO C 97 -18.28 3.28 11.85
N ARG C 98 -18.56 4.23 10.95
CA ARG C 98 -18.85 5.59 11.38
CA ARG C 98 -18.85 5.60 11.38
C ARG C 98 -20.25 6.02 10.99
N GLY C 99 -21.12 5.04 10.77
CA GLY C 99 -22.51 5.32 10.42
C GLY C 99 -23.20 6.27 11.36
N CYS C 100 -22.89 6.18 12.64
CA CYS C 100 -23.55 7.03 13.64
C CYS C 100 -23.16 8.51 13.54
N LYS C 101 -22.15 8.80 12.70
CA LYS C 101 -21.69 10.18 12.49
C LYS C 101 -22.04 10.72 11.10
N LYS C 102 -22.76 9.93 10.31
CA LYS C 102 -23.05 10.28 8.93
C LYS C 102 -24.51 10.58 8.73
N GLY C 103 -24.79 11.68 8.03
CA GLY C 103 -26.16 12.07 7.76
C GLY C 103 -26.92 11.04 6.97
N SER C 104 -26.21 10.22 6.20
CA SER C 104 -26.86 9.21 5.36
C SER C 104 -27.69 8.19 6.15
N THR C 105 -27.46 8.07 7.45
CA THR C 105 -28.14 7.04 8.25
C THR C 105 -29.28 7.60 9.11
N ILE C 106 -29.52 8.89 9.04
CA ILE C 106 -30.53 9.50 9.90
C ILE C 106 -31.92 9.04 9.52
N GLY C 107 -32.22 8.98 8.23
CA GLY C 107 -33.54 8.53 7.79
C GLY C 107 -33.85 7.12 8.25
N TYR C 108 -32.86 6.25 8.17
CA TYR C 108 -32.98 4.88 8.65
C TYR C 108 -33.41 4.84 10.11
N TRP C 109 -32.73 5.61 10.95
CA TRP C 109 -33.06 5.65 12.36
C TRP C 109 -34.48 6.18 12.59
N ASN C 110 -34.85 7.23 11.88
CA ASN C 110 -36.19 7.79 12.00
C ASN C 110 -37.27 6.78 11.60
N ARG C 111 -37.01 6.01 10.54
CA ARG C 111 -37.97 5.03 10.06
C ARG C 111 -38.05 3.83 10.99
N LEU C 112 -36.91 3.40 11.52
CA LEU C 112 -36.88 2.28 12.44
C LEU C 112 -37.76 2.57 13.66
N GLN C 113 -37.73 3.82 14.12
CA GLN C 113 -38.49 4.18 15.31
C GLN C 113 -40.02 4.20 15.10
N LYS C 114 -40.47 4.12 13.85
CA LYS C 114 -41.91 4.03 13.55
C LYS C 114 -42.43 2.62 13.74
N ILE C 115 -41.54 1.64 13.83
CA ILE C 115 -41.91 0.26 14.04
C ILE C 115 -42.52 0.10 15.44
N SER C 116 -43.62 -0.64 15.56
CA SER C 116 -44.26 -0.84 16.86
C SER C 116 -43.26 -1.25 17.92
N GLY C 117 -43.24 -0.53 19.03
CA GLY C 117 -42.39 -0.86 20.16
C GLY C 117 -41.00 -0.28 20.05
N CYS C 118 -40.73 0.45 18.98
CA CYS C 118 -39.37 0.92 18.71
C CYS C 118 -39.18 2.43 18.88
N HIS C 119 -40.21 3.18 19.22
CA HIS C 119 -39.96 4.62 19.33
C HIS C 119 -39.08 4.89 20.52
N GLY C 120 -38.00 5.63 20.31
CA GLY C 120 -37.08 5.94 21.39
C GLY C 120 -36.40 4.71 21.99
N VAL C 121 -36.38 3.61 21.25
CA VAL C 121 -35.75 2.39 21.74
C VAL C 121 -34.28 2.65 22.12
N GLN C 122 -33.87 2.07 23.24
CA GLN C 122 -32.52 2.18 23.75
C GLN C 122 -31.77 0.88 23.56
N PHE D 1 31.94 -14.38 -21.29
CA PHE D 1 30.74 -14.06 -20.46
C PHE D 1 29.50 -14.21 -21.33
N ALA D 2 28.33 -14.18 -20.70
CA ALA D 2 27.07 -14.20 -21.42
C ALA D 2 27.00 -13.00 -22.36
N GLY D 3 26.39 -13.21 -23.52
CA GLY D 3 26.17 -12.13 -24.47
C GLY D 3 24.95 -11.31 -24.09
N GLY D 4 24.75 -10.20 -24.80
CA GLY D 4 23.66 -9.29 -24.51
C GLY D 4 24.07 -7.87 -24.80
N ILE D 5 23.42 -6.90 -24.18
CA ILE D 5 23.70 -5.51 -24.53
C ILE D 5 25.00 -4.96 -23.94
N VAL D 6 25.54 -5.63 -22.94
CA VAL D 6 26.80 -5.19 -22.35
C VAL D 6 27.96 -5.87 -23.09
N SER D 7 29.01 -5.10 -23.43
CA SER D 7 30.16 -5.63 -24.15
C SER D 7 31.00 -6.54 -23.24
N GLN D 8 31.73 -7.46 -23.86
CA GLN D 8 32.59 -8.38 -23.14
C GLN D 8 33.67 -7.65 -22.37
N ARG D 9 34.28 -6.62 -22.95
CA ARG D 9 35.33 -5.90 -22.23
C ARG D 9 34.74 -5.18 -21.02
N CYS D 10 33.54 -4.64 -21.16
CA CYS D 10 32.90 -3.96 -20.05
C CYS D 10 32.64 -4.92 -18.92
N LEU D 11 32.10 -6.09 -19.26
CA LEU D 11 31.85 -7.12 -18.26
C LEU D 11 33.14 -7.53 -17.55
N SER D 12 34.22 -7.69 -18.29
CA SER D 12 35.50 -8.03 -17.70
CA SER D 12 35.50 -8.03 -17.69
C SER D 12 35.94 -6.96 -16.69
N CYS D 13 35.81 -5.69 -17.08
CA CYS D 13 36.21 -4.61 -16.20
C CYS D 13 35.35 -4.57 -14.95
N ILE D 14 34.04 -4.77 -15.09
CA ILE D 14 33.18 -4.81 -13.91
C ILE D 14 33.55 -5.99 -13.03
N CYS D 15 33.81 -7.14 -13.64
CA CYS D 15 34.23 -8.31 -12.90
C CYS D 15 35.51 -8.02 -12.11
N LYS D 16 36.50 -7.44 -12.77
CA LYS D 16 37.75 -7.09 -12.09
C LYS D 16 37.52 -6.11 -10.95
N MET D 17 36.66 -5.13 -11.18
CA MET D 17 36.33 -4.13 -10.17
C MET D 17 35.72 -4.78 -8.94
N GLU D 18 34.82 -5.74 -9.13
CA GLU D 18 33.99 -6.26 -8.05
C GLU D 18 34.75 -7.28 -7.21
N SER D 19 35.53 -8.14 -7.88
CA SER D 19 36.11 -9.29 -7.20
C SER D 19 37.55 -9.60 -7.62
N GLY D 20 38.14 -8.77 -8.47
CA GLY D 20 39.39 -9.17 -9.13
C GLY D 20 39.08 -10.30 -10.10
N CYS D 21 37.82 -10.36 -10.51
CA CYS D 21 37.23 -11.44 -11.31
C CYS D 21 37.55 -12.84 -10.82
N ARG D 22 37.09 -13.13 -9.61
CA ARG D 22 37.23 -14.46 -9.01
C ARG D 22 35.91 -14.84 -8.35
N ASN D 23 35.65 -16.15 -8.24
CA ASN D 23 34.49 -16.60 -7.47
C ASN D 23 34.78 -16.52 -5.97
N VAL D 24 34.46 -15.39 -5.38
CA VAL D 24 34.86 -15.10 -4.01
C VAL D 24 33.87 -15.59 -2.95
N GLY D 25 32.78 -16.22 -3.37
CA GLY D 25 31.77 -16.66 -2.43
C GLY D 25 30.89 -15.50 -1.98
N CYS D 26 30.15 -15.70 -0.88
CA CYS D 26 29.24 -14.67 -0.37
C CYS D 26 29.82 -13.95 0.84
N LYS D 27 29.77 -12.63 0.82
CA LYS D 27 30.32 -11.79 1.88
C LYS D 27 29.23 -10.93 2.50
N MET D 28 29.31 -10.77 3.81
CA MET D 28 28.31 -10.04 4.57
C MET D 28 28.75 -8.61 4.81
N ASP D 29 27.84 -7.68 4.54
CA ASP D 29 27.99 -6.29 4.94
C ASP D 29 26.58 -5.83 5.31
N MET D 30 26.42 -5.37 6.55
CA MET D 30 25.12 -4.93 7.06
C MET D 30 24.05 -6.01 7.04
N GLY D 31 24.43 -7.25 7.34
CA GLY D 31 23.44 -8.31 7.42
C GLY D 31 22.93 -8.77 6.07
N SER D 32 23.52 -8.21 5.01
CA SER D 32 23.12 -8.51 3.63
C SER D 32 24.26 -9.20 2.91
N LEU D 33 23.95 -10.27 2.20
CA LEU D 33 24.96 -11.01 1.47
C LEU D 33 25.10 -10.55 0.01
N SER D 34 26.34 -10.43 -0.44
CA SER D 34 26.63 -10.19 -1.85
CA SER D 34 26.63 -10.19 -1.85
C SER D 34 27.58 -11.29 -2.28
N CYS D 35 27.33 -11.87 -3.44
CA CYS D 35 28.00 -13.10 -3.83
C CYS D 35 28.73 -13.05 -5.16
N GLY D 36 29.90 -13.69 -5.20
CA GLY D 36 30.48 -14.12 -6.46
C GLY D 36 31.23 -13.11 -7.28
N TYR D 37 31.48 -13.50 -8.52
CA TYR D 37 32.26 -12.74 -9.50
C TYR D 37 31.83 -11.29 -9.61
N PHE D 38 30.51 -11.04 -9.62
CA PHE D 38 29.96 -9.71 -9.85
C PHE D 38 29.34 -9.10 -8.58
N GLN D 39 29.50 -9.79 -7.45
CA GLN D 39 28.98 -9.30 -6.17
C GLN D 39 27.49 -8.94 -6.28
N ILE D 40 26.70 -9.94 -6.63
CA ILE D 40 25.26 -9.82 -6.85
C ILE D 40 24.53 -10.15 -5.55
N LYS D 41 23.56 -9.31 -5.21
CA LYS D 41 22.72 -9.56 -4.05
C LYS D 41 21.39 -10.18 -4.50
N GLU D 42 20.63 -10.66 -3.54
CA GLU D 42 19.41 -11.41 -3.83
C GLU D 42 18.41 -10.57 -4.64
N ALA D 43 18.24 -9.30 -4.27
CA ALA D 43 17.29 -8.44 -4.96
C ALA D 43 17.65 -8.30 -6.44
N TYR D 44 18.95 -8.23 -6.70
CA TYR D 44 19.47 -8.09 -8.06
C TYR D 44 19.14 -9.35 -8.85
N TRP D 45 19.41 -10.51 -8.26
CA TRP D 45 19.13 -11.79 -8.90
C TRP D 45 17.65 -11.97 -9.20
N ILE D 46 16.80 -11.57 -8.27
CA ILE D 46 15.36 -11.66 -8.48
C ILE D 46 14.96 -10.83 -9.70
N ASP D 47 15.46 -9.60 -9.79
CA ASP D 47 15.06 -8.71 -10.86
C ASP D 47 15.70 -9.07 -12.21
N CYS D 48 16.83 -9.77 -12.20
CA CYS D 48 17.46 -10.16 -13.47
C CYS D 48 16.86 -11.44 -14.03
N GLY D 49 15.74 -11.87 -13.46
CA GLY D 49 14.96 -12.97 -14.00
C GLY D 49 15.24 -14.32 -13.39
N ARG D 50 15.94 -14.34 -12.26
CA ARG D 50 16.24 -15.56 -11.53
C ARG D 50 16.88 -16.64 -12.41
N PRO D 51 17.93 -16.27 -13.16
CA PRO D 51 18.58 -17.31 -13.95
C PRO D 51 19.25 -18.36 -13.08
N GLY D 52 19.32 -19.58 -13.59
CA GLY D 52 19.89 -20.67 -12.82
C GLY D 52 18.94 -21.19 -11.77
N SER D 53 19.48 -21.99 -10.86
CA SER D 53 18.69 -22.69 -9.87
CA SER D 53 18.68 -22.69 -9.87
C SER D 53 18.39 -21.84 -8.64
N SER D 54 19.31 -20.94 -8.31
CA SER D 54 19.18 -20.09 -7.13
C SER D 54 20.16 -18.93 -7.22
N TRP D 55 19.94 -17.92 -6.36
CA TRP D 55 20.77 -16.74 -6.33
C TRP D 55 22.26 -17.09 -6.10
N LYS D 56 22.55 -17.82 -5.03
CA LYS D 56 23.95 -18.08 -4.67
C LYS D 56 24.66 -18.99 -5.68
N SER D 57 23.94 -19.96 -6.22
CA SER D 57 24.47 -20.83 -7.26
CA SER D 57 24.52 -20.83 -7.23
C SER D 57 24.78 -20.06 -8.52
N CYS D 58 23.87 -19.17 -8.91
CA CYS D 58 24.05 -18.38 -10.11
C CYS D 58 25.26 -17.45 -9.95
N ALA D 59 25.33 -16.81 -8.78
CA ALA D 59 26.38 -15.83 -8.51
C ALA D 59 27.77 -16.45 -8.56
N ALA D 60 27.87 -17.74 -8.28
CA ALA D 60 29.15 -18.44 -8.26
C ALA D 60 29.59 -18.94 -9.65
N SER D 61 28.73 -18.79 -10.64
CA SER D 61 29.02 -19.17 -12.02
C SER D 61 29.30 -17.92 -12.85
N SER D 62 30.45 -17.87 -13.50
CA SER D 62 30.82 -16.72 -14.34
CA SER D 62 30.81 -16.70 -14.32
C SER D 62 29.73 -16.48 -15.38
N TYR D 63 29.29 -17.57 -16.02
CA TYR D 63 28.26 -17.47 -17.05
C TYR D 63 26.92 -17.02 -16.48
N CYS D 64 26.40 -17.72 -15.48
CA CYS D 64 25.10 -17.35 -14.95
C CYS D 64 25.11 -15.95 -14.37
N ALA D 65 26.16 -15.62 -13.63
CA ALA D 65 26.26 -14.29 -13.01
C ALA D 65 26.28 -13.20 -14.07
N SER D 66 27.07 -13.40 -15.13
CA SER D 66 27.11 -12.40 -16.19
C SER D 66 25.81 -12.34 -16.99
N LEU D 67 25.12 -13.47 -17.12
CA LEU D 67 23.79 -13.47 -17.74
C LEU D 67 22.85 -12.61 -16.90
N CYS D 68 22.97 -12.73 -15.59
CA CYS D 68 22.16 -11.93 -14.70
C CYS D 68 22.44 -10.44 -14.92
N VAL D 69 23.72 -10.06 -15.02
CA VAL D 69 24.07 -8.69 -15.31
C VAL D 69 23.49 -8.23 -16.65
N GLN D 70 23.63 -9.07 -17.68
CA GLN D 70 23.03 -8.75 -18.99
C GLN D 70 21.53 -8.52 -18.88
N ASN D 71 20.82 -9.40 -18.18
CA ASN D 71 19.37 -9.28 -18.00
C ASN D 71 19.01 -8.04 -17.18
N TYR D 72 19.79 -7.73 -16.15
CA TYR D 72 19.56 -6.54 -15.33
C TYR D 72 19.67 -5.28 -16.16
N MET D 73 20.70 -5.19 -17.00
CA MET D 73 20.87 -4.03 -17.83
C MET D 73 19.77 -3.94 -18.89
N LYS D 74 19.39 -5.07 -19.48
N LYS D 74 19.39 -5.07 -19.47
CA LYS D 74 18.29 -5.10 -20.43
CA LYS D 74 18.28 -5.08 -20.44
C LYS D 74 17.00 -4.57 -19.80
C LYS D 74 17.02 -4.52 -19.78
N ARG D 75 16.77 -4.94 -18.55
CA ARG D 75 15.57 -4.50 -17.85
C ARG D 75 15.60 -3.01 -17.52
N TYR D 76 16.73 -2.52 -17.02
CA TYR D 76 16.75 -1.20 -16.38
C TYR D 76 17.48 -0.08 -17.11
N ALA D 77 18.57 -0.39 -17.83
CA ALA D 77 19.49 0.67 -18.21
C ALA D 77 18.87 1.70 -19.16
N LYS D 78 18.26 1.23 -20.24
CA LYS D 78 17.68 2.15 -21.20
C LYS D 78 16.68 3.08 -20.55
N TRP D 79 15.81 2.49 -19.73
CA TRP D 79 14.65 3.19 -19.21
C TRP D 79 15.00 4.17 -18.11
N ALA D 80 16.19 4.02 -17.54
CA ALA D 80 16.71 4.98 -16.56
C ALA D 80 17.37 6.19 -17.25
N GLY D 81 17.51 6.16 -18.57
CA GLY D 81 18.21 7.20 -19.30
C GLY D 81 19.71 7.02 -19.34
N CYS D 82 20.16 5.80 -19.09
CA CYS D 82 21.59 5.53 -19.06
CA CYS D 82 21.56 5.42 -19.05
C CYS D 82 22.18 5.47 -20.44
N PRO D 83 23.44 5.94 -20.56
CA PRO D 83 24.14 5.68 -21.82
C PRO D 83 24.37 4.18 -21.94
N LEU D 84 24.10 3.62 -23.12
CA LEU D 84 24.23 2.16 -23.30
C LEU D 84 25.63 1.78 -23.70
N ARG D 85 26.52 1.97 -22.72
CA ARG D 85 27.91 1.58 -22.82
C ARG D 85 28.37 1.41 -21.38
N CYS D 86 29.64 1.07 -21.20
CA CYS D 86 30.10 0.63 -19.91
C CYS D 86 29.92 1.68 -18.81
N GLU D 87 30.10 2.96 -19.12
CA GLU D 87 29.91 3.99 -18.10
C GLU D 87 28.53 3.82 -17.47
N GLY D 88 27.51 3.63 -18.31
CA GLY D 88 26.16 3.42 -17.84
C GLY D 88 26.00 2.10 -17.11
N PHE D 89 26.44 1.02 -17.74
CA PHE D 89 26.20 -0.32 -17.20
C PHE D 89 26.95 -0.53 -15.88
N ALA D 90 28.20 -0.09 -15.81
CA ALA D 90 28.97 -0.18 -14.57
C ALA D 90 28.26 0.56 -13.43
N ARG D 91 27.79 1.76 -13.71
CA ARG D 91 27.13 2.57 -12.69
C ARG D 91 25.77 1.98 -12.26
N GLU D 92 25.05 1.34 -13.18
CA GLU D 92 23.84 0.57 -12.82
C GLU D 92 24.21 -0.61 -11.95
N HIS D 93 25.30 -1.27 -12.30
CA HIS D 93 25.68 -2.43 -11.53
C HIS D 93 26.02 -2.08 -10.09
N ASN D 94 26.70 -0.95 -9.91
CA ASN D 94 27.11 -0.50 -8.59
C ASN D 94 25.98 0.17 -7.82
N GLY D 95 25.09 0.85 -8.55
CA GLY D 95 24.10 1.71 -7.92
C GLY D 95 22.64 1.35 -8.06
N GLY D 96 22.32 0.25 -8.74
CA GLY D 96 20.92 -0.13 -8.95
C GLY D 96 20.31 0.49 -10.19
N PRO D 97 18.97 0.41 -10.32
CA PRO D 97 18.29 0.79 -11.56
C PRO D 97 18.53 2.21 -12.02
N ARG D 98 18.83 3.13 -11.13
CA ARG D 98 19.13 4.51 -11.49
CA ARG D 98 19.15 4.49 -11.52
C ARG D 98 20.58 4.88 -11.12
N GLY D 99 21.43 3.87 -10.93
CA GLY D 99 22.81 4.12 -10.55
C GLY D 99 23.54 5.07 -11.47
N CYS D 100 23.27 5.00 -12.76
CA CYS D 100 23.90 5.85 -13.74
C CYS D 100 23.53 7.33 -13.59
N LYS D 101 22.54 7.62 -12.74
CA LYS D 101 22.13 9.00 -12.49
C LYS D 101 22.48 9.49 -11.08
N LYS D 102 23.18 8.66 -10.31
CA LYS D 102 23.49 8.98 -8.91
C LYS D 102 24.96 9.25 -8.71
N GLY D 103 25.25 10.31 -7.96
CA GLY D 103 26.61 10.70 -7.71
C GLY D 103 27.38 9.64 -6.96
N SER D 104 26.66 8.78 -6.25
CA SER D 104 27.29 7.75 -5.42
CA SER D 104 27.28 7.76 -5.42
C SER D 104 28.09 6.74 -6.22
N THR D 105 27.86 6.64 -7.53
CA THR D 105 28.53 5.66 -8.37
CA THR D 105 28.65 5.66 -8.27
C THR D 105 29.64 6.30 -9.26
N ILE D 106 29.82 7.61 -9.16
CA ILE D 106 30.83 8.31 -9.99
C ILE D 106 32.24 7.84 -9.66
N GLY D 107 32.56 7.74 -8.38
CA GLY D 107 33.88 7.27 -7.99
C GLY D 107 34.12 5.85 -8.48
N TYR D 108 33.10 5.02 -8.38
CA TYR D 108 33.19 3.63 -8.85
C TYR D 108 33.62 3.59 -10.31
N TRP D 109 32.96 4.38 -11.16
CA TRP D 109 33.28 4.44 -12.58
C TRP D 109 34.68 5.04 -12.82
N ASN D 110 35.04 6.09 -12.08
CA ASN D 110 36.35 6.70 -12.21
C ASN D 110 37.42 5.68 -11.86
N ARG D 111 37.20 4.93 -10.80
CA ARG D 111 38.18 3.95 -10.35
C ARG D 111 38.22 2.72 -11.25
N LEU D 112 37.07 2.25 -11.72
CA LEU D 112 37.04 1.07 -12.56
C LEU D 112 37.94 1.27 -13.80
N GLN D 113 37.95 2.49 -14.32
CA GLN D 113 38.77 2.82 -15.50
C GLN D 113 40.26 2.92 -15.25
N LYS D 114 40.68 2.83 -13.97
CA LYS D 114 42.09 2.74 -13.62
C LYS D 114 42.61 1.30 -13.69
N ILE D 115 41.71 0.31 -13.75
CA ILE D 115 42.14 -1.08 -13.86
C ILE D 115 42.81 -1.29 -15.22
N SER D 116 43.96 -1.97 -15.23
CA SER D 116 44.68 -2.20 -16.48
C SER D 116 43.79 -2.73 -17.62
N GLY D 117 43.73 -1.97 -18.70
CA GLY D 117 43.00 -2.35 -19.90
C GLY D 117 41.57 -1.85 -19.92
N CYS D 118 41.18 -1.07 -18.91
CA CYS D 118 39.80 -0.60 -18.77
C CYS D 118 39.61 0.89 -18.98
N HIS D 119 40.68 1.64 -19.28
CA HIS D 119 40.48 3.08 -19.49
C HIS D 119 39.58 3.34 -20.70
N GLY D 120 38.54 4.15 -20.50
CA GLY D 120 37.61 4.49 -21.56
C GLY D 120 36.92 3.28 -22.17
N VAL D 121 36.81 2.20 -21.40
CA VAL D 121 36.14 1.01 -21.88
C VAL D 121 34.68 1.29 -22.24
N GLN D 122 34.23 0.72 -23.36
CA GLN D 122 32.87 0.90 -23.87
C GLN D 122 32.07 -0.39 -23.68
C1 GOL E . -0.63 -1.81 -0.60
O1 GOL E . -0.36 -0.66 -1.34
C2 GOL E . 0.50 -2.05 0.38
O2 GOL E . 0.61 -0.94 1.27
C3 GOL E . 0.10 -3.34 1.10
O3 GOL E . 1.07 -3.73 2.03
H11 GOL E . -0.71 -2.66 -1.28
H12 GOL E . -1.57 -1.70 -0.07
HO1 GOL E . -1.06 -0.54 -2.01
H2 GOL E . 1.44 -2.20 -0.16
HO2 GOL E . -0.26 -0.79 1.71
H31 GOL E . -0.02 -4.13 0.37
H32 GOL E . -0.85 -3.20 1.61
HO3 GOL E . 0.95 -4.68 2.25
C1 GOL F . -14.41 3.54 14.26
O1 GOL F . -14.37 2.33 15.00
C2 GOL F . -13.17 3.69 13.39
O2 GOL F . -12.12 2.82 13.77
C3 GOL F . -13.52 3.48 11.92
O3 GOL F . -12.47 3.87 11.08
H11 GOL F . -14.48 4.38 14.94
H12 GOL F . -15.30 3.54 13.62
HO1 GOL F . -15.15 2.30 15.60
H2 GOL F . -12.81 4.72 13.49
HO2 GOL F . -12.40 1.88 13.64
H31 GOL F . -14.42 4.05 11.68
H32 GOL F . -13.75 2.42 11.75
HO3 GOL F . -12.82 4.02 10.17
MG MG G . 10.91 13.58 18.03
MG MG H . -4.10 8.56 -20.25
#